data_5T6O
#
_entry.id   5T6O
#
_cell.length_a   72.080
_cell.length_b   87.820
_cell.length_c   137.100
_cell.angle_alpha   90.00
_cell.angle_beta   90.00
_cell.angle_gamma   90.00
#
_symmetry.space_group_name_H-M   'I 2 2 2'
#
loop_
_entity.id
_entity.type
_entity.pdbx_description
1 polymer 'Poly-beta-hydroxybuterate polymerase'
2 non-polymer 'SULFATE ION'
3 water water
#
_entity_poly.entity_id   1
_entity_poly.type   'polypeptide(L)'
_entity_poly.pdbx_seq_one_letter_code
;SAFEVGRNVAVTEGAVVFENEYFQLLQYKPLTDKVHARPLLMVPPCINKYYILDLQPESSLVRHVVEQGHTVFLVSWRNP
DASMAGSTWDDYIEHAAIRAIEVARDISGQDKINVLGFAVGGTIVSTALAVLAARGEHPAASVTLLTTLLDFADTGILDV
FVDEGHVQLREATLGGGAGAPCALLRGLELANTFSFLRPNDLVWNYVVDNYLKGNTPVPFDLLFWNGDATNLPGPWYCWY
LRHTYLQNELKVPGKLTVCGVPVDLASIDVPTYIYGSREDHIVPWTAAYASTALLANKLRFVLGASGHIAGVINPPAKNK
RSHWTNDALPESPQQWLAGAIEHHGSWWPDWTAWLAGQAGAKRAAPANYGNARYRAIEPAPGRYVKAKA
;
_entity_poly.pdbx_strand_id   A
#
loop_
_chem_comp.id
_chem_comp.type
_chem_comp.name
_chem_comp.formula
SO4 non-polymer 'SULFATE ION' 'O4 S -2'
#
# COMPACT_ATOMS: atom_id res chain seq x y z
N SER A 1 27.45 6.50 -6.26
CA SER A 1 27.33 6.35 -4.81
C SER A 1 26.21 5.38 -4.45
N ALA A 2 26.50 4.46 -3.54
CA ALA A 2 25.55 3.42 -3.14
C ALA A 2 24.28 4.06 -2.58
N PHE A 3 23.17 3.30 -2.67
CA PHE A 3 21.92 3.81 -2.15
C PHE A 3 21.95 3.85 -0.62
N GLU A 4 21.38 4.91 -0.05
CA GLU A 4 21.29 5.03 1.39
C GLU A 4 20.03 5.79 1.74
N VAL A 5 19.15 5.14 2.51
CA VAL A 5 17.87 5.74 2.89
C VAL A 5 18.15 7.03 3.67
N GLY A 6 17.51 8.12 3.24
CA GLY A 6 17.71 9.41 3.86
C GLY A 6 18.85 10.23 3.30
N ARG A 7 19.65 9.66 2.40
CA ARG A 7 20.70 10.40 1.70
C ARG A 7 20.40 10.58 0.23
N ASN A 8 20.16 9.50 -0.50
CA ASN A 8 19.78 9.61 -1.91
C ASN A 8 18.52 8.82 -2.27
N VAL A 9 17.88 8.16 -1.31
CA VAL A 9 16.54 7.66 -1.49
C VAL A 9 15.75 8.05 -0.26
N ALA A 10 14.43 8.23 -0.44
CA ALA A 10 13.53 8.65 0.63
C ALA A 10 13.95 9.99 1.22
N VAL A 11 14.13 10.98 0.35
CA VAL A 11 14.68 12.27 0.78
C VAL A 11 13.65 13.40 0.72
N THR A 12 12.38 13.11 0.47
CA THR A 12 11.41 14.20 0.46
C THR A 12 11.32 14.79 1.87
N GLU A 13 11.32 16.12 1.95
CA GLU A 13 11.47 16.78 3.25
C GLU A 13 10.22 16.61 4.10
N GLY A 14 10.42 16.23 5.36
CA GLY A 14 9.30 15.97 6.25
C GLY A 14 9.76 15.79 7.69
N ALA A 15 8.81 15.42 8.55
CA ALA A 15 9.10 15.16 9.95
C ALA A 15 8.26 13.99 10.44
N VAL A 16 8.84 13.20 11.34
CA VAL A 16 8.03 12.29 12.15
C VAL A 16 7.21 13.12 13.13
N VAL A 17 5.89 12.92 13.14
CA VAL A 17 5.00 13.63 14.05
C VAL A 17 4.36 12.71 15.08
N PHE A 18 4.58 11.40 15.00
CA PHE A 18 4.00 10.45 15.93
C PHE A 18 4.76 9.15 15.79
N GLU A 19 4.89 8.41 16.89
CA GLU A 19 5.46 7.08 16.78
C GLU A 19 4.95 6.21 17.92
N ASN A 20 4.78 4.93 17.62
CA ASN A 20 4.54 3.94 18.68
C ASN A 20 5.35 2.70 18.31
N GLU A 21 5.03 1.57 18.94
CA GLU A 21 5.84 0.37 18.72
C GLU A 21 5.74 -0.12 17.29
N TYR A 22 4.67 0.23 16.59
CA TYR A 22 4.37 -0.36 15.29
C TYR A 22 4.80 0.52 14.12
N PHE A 23 4.85 1.84 14.29
CA PHE A 23 5.11 2.69 13.13
C PHE A 23 5.46 4.10 13.57
N GLN A 24 6.00 4.86 12.62
CA GLN A 24 6.14 6.31 12.71
C GLN A 24 5.23 6.97 11.68
N LEU A 25 4.54 8.04 12.08
CA LEU A 25 3.76 8.81 11.13
C LEU A 25 4.62 9.94 10.59
N LEU A 26 4.86 9.94 9.28
CA LEU A 26 5.55 11.06 8.64
C LEU A 26 4.55 12.07 8.11
N GLN A 27 4.93 13.34 8.17
CA GLN A 27 4.19 14.43 7.53
C GLN A 27 5.18 15.21 6.70
N TYR A 28 4.88 15.42 5.41
CA TYR A 28 5.85 16.07 4.54
C TYR A 28 5.68 17.59 4.52
N LYS A 29 6.81 18.28 4.35
CA LYS A 29 6.81 19.74 4.26
C LYS A 29 6.07 20.19 3.00
N PRO A 30 5.21 21.21 3.11
CA PRO A 30 4.54 21.74 1.92
C PRO A 30 5.55 22.23 0.89
N LEU A 31 5.24 22.02 -0.38
CA LEU A 31 6.02 22.57 -1.48
C LEU A 31 5.21 23.58 -2.29
N THR A 32 4.00 23.90 -1.84
CA THR A 32 3.11 24.83 -2.52
C THR A 32 2.59 25.84 -1.51
N ASP A 33 2.13 26.99 -2.01
CA ASP A 33 1.57 28.00 -1.13
C ASP A 33 0.24 27.56 -0.53
N LYS A 34 -0.62 26.91 -1.32
CA LYS A 34 -1.89 26.40 -0.82
C LYS A 34 -1.97 24.89 -1.00
N VAL A 35 -2.79 24.26 -0.15
CA VAL A 35 -3.04 22.83 -0.18
C VAL A 35 -4.53 22.60 -0.02
N HIS A 36 -4.99 21.44 -0.49
CA HIS A 36 -6.37 21.04 -0.28
C HIS A 36 -6.65 20.87 1.20
N ALA A 37 -7.91 21.14 1.57
CA ALA A 37 -8.30 21.05 2.98
C ALA A 37 -8.08 19.65 3.53
N ARG A 38 -8.34 18.62 2.72
CA ARG A 38 -8.22 17.25 3.21
C ARG A 38 -6.87 16.67 2.84
N PRO A 39 -6.12 16.14 3.81
CA PRO A 39 -4.83 15.54 3.52
C PRO A 39 -4.98 14.13 2.99
N LEU A 40 -3.87 13.56 2.53
CA LEU A 40 -3.82 12.18 2.08
C LEU A 40 -2.91 11.37 3.02
N LEU A 41 -3.45 10.28 3.58
CA LEU A 41 -2.66 9.37 4.40
C LEU A 41 -2.30 8.14 3.56
N MET A 42 -1.01 7.92 3.36
CA MET A 42 -0.51 6.78 2.62
C MET A 42 -0.18 5.63 3.56
N VAL A 43 -0.71 4.44 3.26
CA VAL A 43 -0.39 3.23 4.00
C VAL A 43 0.39 2.30 3.07
N PRO A 44 1.72 2.28 3.17
CA PRO A 44 2.52 1.45 2.31
C PRO A 44 2.54 0.00 2.80
N PRO A 45 3.07 -0.93 2.02
CA PRO A 45 3.24 -2.30 2.51
C PRO A 45 4.19 -2.35 3.69
N CYS A 46 4.01 -3.36 4.54
CA CYS A 46 5.00 -3.70 5.55
C CYS A 46 5.87 -4.87 5.13
N ILE A 47 5.65 -5.37 3.91
CA ILE A 47 6.55 -6.27 3.21
C ILE A 47 7.47 -5.38 2.36
N ASN A 48 8.78 -5.40 2.66
CA ASN A 48 9.70 -4.31 2.34
C ASN A 48 9.23 -3.00 2.96
N LYS A 49 9.91 -1.90 2.67
CA LYS A 49 9.67 -0.64 3.37
C LYS A 49 8.95 0.37 2.49
N TYR A 50 8.52 1.47 3.13
CA TYR A 50 7.59 2.40 2.47
C TYR A 50 8.20 3.11 1.27
N TYR A 51 9.52 3.25 1.22
CA TYR A 51 10.12 4.25 0.35
C TYR A 51 10.13 3.85 -1.12
N ILE A 52 9.55 2.69 -1.47
CA ILE A 52 9.18 2.49 -2.87
C ILE A 52 8.29 3.62 -3.33
N LEU A 53 7.54 4.24 -2.41
CA LEU A 53 6.67 5.36 -2.72
C LEU A 53 7.37 6.71 -2.66
N ASP A 54 8.63 6.75 -2.20
CA ASP A 54 9.41 8.00 -2.16
C ASP A 54 10.85 7.64 -2.54
N LEU A 55 11.01 7.02 -3.71
CA LEU A 55 12.26 6.34 -4.01
C LEU A 55 13.39 7.33 -4.26
N GLN A 56 13.55 7.81 -5.48
CA GLN A 56 14.41 8.95 -5.70
C GLN A 56 13.57 10.16 -6.05
N PRO A 57 14.12 11.38 -5.98
CA PRO A 57 13.27 12.56 -6.19
C PRO A 57 12.50 12.54 -7.51
N GLU A 58 13.13 12.13 -8.62
CA GLU A 58 12.43 12.13 -9.89
C GLU A 58 11.28 11.13 -9.90
N SER A 59 11.41 10.02 -9.15
CA SER A 59 10.47 8.92 -9.19
C SER A 59 9.53 8.88 -7.99
N SER A 60 9.59 9.89 -7.11
CA SER A 60 8.85 9.83 -5.85
C SER A 60 7.37 10.13 -6.07
N LEU A 61 6.52 9.19 -5.66
CA LEU A 61 5.08 9.48 -5.65
C LEU A 61 4.74 10.48 -4.56
N VAL A 62 5.39 10.37 -3.39
CA VAL A 62 5.14 11.33 -2.32
C VAL A 62 5.41 12.74 -2.81
N ARG A 63 6.61 12.98 -3.36
CA ARG A 63 6.94 14.34 -3.79
C ARG A 63 5.96 14.83 -4.84
N HIS A 64 5.57 13.95 -5.77
CA HIS A 64 4.64 14.38 -6.80
C HIS A 64 3.31 14.83 -6.20
N VAL A 65 2.79 14.10 -5.22
CA VAL A 65 1.49 14.45 -4.64
C VAL A 65 1.60 15.74 -3.82
N VAL A 66 2.71 15.91 -3.08
CA VAL A 66 2.93 17.16 -2.35
C VAL A 66 2.99 18.34 -3.33
N GLU A 67 3.59 18.13 -4.51
CA GLU A 67 3.69 19.23 -5.47
C GLU A 67 2.35 19.51 -6.15
N GLN A 68 1.42 18.58 -6.12
CA GLN A 68 0.07 18.85 -6.61
C GLN A 68 -0.80 19.55 -5.56
N GLY A 69 -0.26 19.85 -4.37
CA GLY A 69 -1.01 20.60 -3.39
C GLY A 69 -1.80 19.78 -2.39
N HIS A 70 -1.34 18.60 -2.03
CA HIS A 70 -1.93 17.84 -0.93
C HIS A 70 -0.97 17.75 0.23
N THR A 71 -1.51 17.87 1.44
CA THR A 71 -0.78 17.48 2.64
C THR A 71 -0.71 15.96 2.68
N VAL A 72 0.50 15.41 2.78
CA VAL A 72 0.71 13.97 2.76
C VAL A 72 1.22 13.51 4.12
N PHE A 73 0.54 12.52 4.70
CA PHE A 73 1.02 11.76 5.84
C PHE A 73 1.33 10.34 5.38
N LEU A 74 2.24 9.67 6.07
CA LEU A 74 2.64 8.34 5.61
C LEU A 74 3.02 7.46 6.78
N VAL A 75 2.60 6.20 6.70
CA VAL A 75 2.93 5.19 7.70
C VAL A 75 4.29 4.57 7.37
N SER A 76 5.30 4.80 8.22
CA SER A 76 6.59 4.13 8.11
C SER A 76 6.64 3.04 9.16
N TRP A 77 6.57 1.78 8.71
CA TRP A 77 6.42 0.66 9.63
C TRP A 77 7.69 0.39 10.41
N ARG A 78 7.52 0.03 11.68
CA ARG A 78 8.62 -0.56 12.43
C ARG A 78 9.11 -1.82 11.73
N ASN A 79 10.41 -2.06 11.76
CA ASN A 79 10.94 -3.35 11.31
C ASN A 79 11.01 -4.22 12.56
N PRO A 80 10.07 -5.15 12.76
CA PRO A 80 9.92 -5.75 14.10
C PRO A 80 11.14 -6.54 14.55
N ASP A 81 11.42 -6.45 15.84
CA ASP A 81 12.45 -7.20 16.52
C ASP A 81 11.80 -8.26 17.40
N ALA A 82 12.60 -8.86 18.28
CA ALA A 82 12.12 -9.98 19.09
C ALA A 82 10.93 -9.59 19.96
N SER A 83 10.87 -8.32 20.39
CA SER A 83 9.78 -7.89 21.26
C SER A 83 8.43 -7.96 20.56
N MET A 84 8.42 -7.98 19.23
CA MET A 84 7.18 -8.01 18.46
C MET A 84 6.93 -9.36 17.80
N ALA A 85 7.68 -10.40 18.19
CA ALA A 85 7.55 -11.71 17.55
C ALA A 85 6.16 -12.33 17.71
N GLY A 86 5.35 -11.81 18.63
CA GLY A 86 3.99 -12.27 18.80
C GLY A 86 2.90 -11.35 18.28
N SER A 87 3.25 -10.31 17.52
CA SER A 87 2.26 -9.36 17.01
C SER A 87 1.34 -10.03 15.99
N THR A 88 0.08 -9.63 16.00
CA THR A 88 -0.97 -10.26 15.20
C THR A 88 -1.42 -9.32 14.10
N TRP A 89 -2.18 -9.89 13.16
CA TRP A 89 -2.84 -9.07 12.15
C TRP A 89 -3.72 -8.01 12.80
N ASP A 90 -4.46 -8.39 13.86
CA ASP A 90 -5.32 -7.45 14.57
C ASP A 90 -4.51 -6.34 15.23
N ASP A 91 -3.34 -6.69 15.80
CA ASP A 91 -2.50 -5.66 16.41
C ASP A 91 -2.17 -4.58 15.40
N TYR A 92 -1.79 -4.99 14.20
CA TYR A 92 -1.39 -4.04 13.16
C TYR A 92 -2.58 -3.21 12.71
N ILE A 93 -3.76 -3.81 12.64
CA ILE A 93 -4.96 -3.06 12.24
C ILE A 93 -5.27 -1.97 13.26
N GLU A 94 -5.28 -2.34 14.54
CA GLU A 94 -5.68 -1.40 15.59
C GLU A 94 -4.59 -0.37 15.86
N HIS A 95 -3.35 -0.83 16.08
CA HIS A 95 -2.31 0.04 16.61
C HIS A 95 -1.48 0.72 15.54
N ALA A 96 -1.71 0.42 14.26
CA ALA A 96 -1.01 1.12 13.21
C ALA A 96 -1.98 1.72 12.19
N ALA A 97 -2.81 0.90 11.54
CA ALA A 97 -3.68 1.45 10.49
C ALA A 97 -4.74 2.36 11.08
N ILE A 98 -5.53 1.86 12.03
CA ILE A 98 -6.57 2.69 12.64
C ILE A 98 -5.94 3.84 13.41
N ARG A 99 -4.85 3.56 14.14
CA ARG A 99 -4.16 4.62 14.88
C ARG A 99 -3.66 5.71 13.94
N ALA A 100 -3.10 5.34 12.78
CA ALA A 100 -2.57 6.35 11.86
C ALA A 100 -3.70 7.20 11.30
N ILE A 101 -4.84 6.59 10.98
CA ILE A 101 -6.00 7.37 10.55
C ILE A 101 -6.39 8.38 11.62
N GLU A 102 -6.43 7.95 12.88
CA GLU A 102 -6.86 8.83 13.97
C GLU A 102 -5.90 10.00 14.14
N VAL A 103 -4.60 9.74 14.09
CA VAL A 103 -3.63 10.80 14.34
C VAL A 103 -3.59 11.77 13.17
N ALA A 104 -3.57 11.24 11.94
CA ALA A 104 -3.59 12.13 10.77
C ALA A 104 -4.85 12.99 10.74
N ARG A 105 -6.01 12.38 11.05
CA ARG A 105 -7.25 13.14 11.08
C ARG A 105 -7.22 14.19 12.18
N ASP A 106 -6.63 13.88 13.33
CA ASP A 106 -6.54 14.84 14.42
C ASP A 106 -5.67 16.03 14.03
N ILE A 107 -4.49 15.75 13.47
CA ILE A 107 -3.61 16.83 13.05
C ILE A 107 -4.29 17.71 12.02
N SER A 108 -4.98 17.10 11.05
CA SER A 108 -5.60 17.87 9.98
C SER A 108 -6.73 18.76 10.48
N GLY A 109 -7.36 18.40 11.60
CA GLY A 109 -8.54 19.14 12.01
C GLY A 109 -9.75 18.95 11.11
N GLN A 110 -9.66 18.04 10.13
CA GLN A 110 -10.74 17.79 9.19
C GLN A 110 -11.62 16.65 9.67
N ASP A 111 -12.89 16.69 9.25
CA ASP A 111 -13.80 15.59 9.57
C ASP A 111 -13.43 14.31 8.83
N LYS A 112 -12.90 14.44 7.61
CA LYS A 112 -12.53 13.28 6.80
C LYS A 112 -11.19 13.54 6.11
N ILE A 113 -10.45 12.46 5.88
CA ILE A 113 -9.18 12.49 5.16
C ILE A 113 -9.27 11.54 3.97
N ASN A 114 -8.37 11.75 3.01
CA ASN A 114 -8.20 10.78 1.94
C ASN A 114 -7.17 9.76 2.37
N VAL A 115 -7.36 8.51 1.94
N VAL A 115 -7.33 8.53 1.87
CA VAL A 115 -6.37 7.48 2.28
CA VAL A 115 -6.48 7.41 2.26
C VAL A 115 -5.96 6.74 1.01
C VAL A 115 -5.99 6.67 1.02
N LEU A 116 -4.74 6.21 1.06
CA LEU A 116 -4.15 5.44 -0.02
C LEU A 116 -3.48 4.21 0.58
N GLY A 117 -3.61 3.08 -0.10
CA GLY A 117 -2.84 1.90 0.22
C GLY A 117 -2.12 1.41 -1.02
N PHE A 118 -0.97 0.76 -0.81
CA PHE A 118 -0.20 0.14 -1.88
C PHE A 118 0.09 -1.30 -1.49
N ALA A 119 -0.28 -2.25 -2.34
CA ALA A 119 0.03 -3.68 -2.13
C ALA A 119 -0.60 -4.10 -0.81
N VAL A 120 0.13 -4.79 0.08
CA VAL A 120 -0.53 -5.23 1.31
C VAL A 120 -0.96 -4.04 2.17
N GLY A 121 -0.35 -2.86 1.99
CA GLY A 121 -0.88 -1.65 2.61
C GLY A 121 -2.33 -1.39 2.23
N GLY A 122 -2.69 -1.72 1.00
CA GLY A 122 -4.08 -1.54 0.58
C GLY A 122 -5.00 -2.54 1.22
N THR A 123 -4.53 -3.78 1.38
CA THR A 123 -5.31 -4.79 2.10
C THR A 123 -5.48 -4.38 3.55
N ILE A 124 -4.39 -3.94 4.18
CA ILE A 124 -4.43 -3.46 5.56
C ILE A 124 -5.39 -2.29 5.70
N VAL A 125 -5.24 -1.27 4.84
CA VAL A 125 -6.04 -0.08 5.09
C VAL A 125 -7.51 -0.35 4.78
N SER A 126 -7.79 -1.22 3.81
CA SER A 126 -9.19 -1.57 3.54
C SER A 126 -9.82 -2.31 4.72
N THR A 127 -9.05 -3.23 5.33
CA THR A 127 -9.57 -3.93 6.50
C THR A 127 -9.84 -2.94 7.63
N ALA A 128 -8.92 -1.99 7.84
CA ALA A 128 -9.08 -1.01 8.92
C ALA A 128 -10.34 -0.16 8.72
N LEU A 129 -10.58 0.30 7.49
CA LEU A 129 -11.78 1.10 7.27
C LEU A 129 -13.05 0.27 7.40
N ALA A 130 -13.00 -1.01 7.02
CA ALA A 130 -14.15 -1.87 7.24
C ALA A 130 -14.39 -2.10 8.73
N VAL A 131 -13.32 -2.26 9.51
CA VAL A 131 -13.48 -2.35 10.97
C VAL A 131 -14.10 -1.07 11.51
N LEU A 132 -13.57 0.08 11.08
CA LEU A 132 -14.10 1.36 11.56
C LEU A 132 -15.56 1.55 11.18
N ALA A 133 -15.96 1.14 9.97
CA ALA A 133 -17.35 1.31 9.56
C ALA A 133 -18.29 0.50 10.44
N ALA A 134 -17.90 -0.73 10.78
CA ALA A 134 -18.69 -1.54 11.70
C ALA A 134 -18.80 -0.91 13.08
N ARG A 135 -17.84 -0.06 13.47
CA ARG A 135 -17.92 0.72 14.69
C ARG A 135 -18.74 2.00 14.52
N GLY A 136 -19.31 2.23 13.34
CA GLY A 136 -20.02 3.47 13.08
C GLY A 136 -19.12 4.65 12.77
N GLU A 137 -17.88 4.42 12.38
CA GLU A 137 -16.91 5.49 12.14
C GLU A 137 -16.55 5.53 10.66
N HIS A 138 -16.58 6.73 10.08
CA HIS A 138 -16.35 6.93 8.65
C HIS A 138 -15.35 8.08 8.48
N PRO A 139 -14.08 7.83 8.79
CA PRO A 139 -13.09 8.92 8.75
C PRO A 139 -12.52 9.22 7.38
N ALA A 140 -12.86 8.46 6.34
CA ALA A 140 -12.26 8.60 5.02
C ALA A 140 -13.25 9.24 4.05
N ALA A 141 -12.77 10.25 3.31
CA ALA A 141 -13.53 10.84 2.22
C ALA A 141 -13.46 9.98 0.97
N SER A 142 -12.31 9.33 0.74
CA SER A 142 -12.08 8.52 -0.43
C SER A 142 -10.92 7.59 -0.14
N VAL A 143 -10.79 6.56 -0.96
CA VAL A 143 -9.75 5.53 -0.80
C VAL A 143 -9.10 5.32 -2.17
N THR A 144 -7.78 5.25 -2.19
CA THR A 144 -7.02 4.89 -3.37
C THR A 144 -6.32 3.56 -3.09
N LEU A 145 -6.62 2.54 -3.90
CA LEU A 145 -6.01 1.22 -3.76
C LEU A 145 -5.06 1.02 -4.94
N LEU A 146 -3.76 1.17 -4.69
CA LEU A 146 -2.75 0.92 -5.71
C LEU A 146 -2.29 -0.54 -5.60
N THR A 147 -2.52 -1.32 -6.67
CA THR A 147 -1.95 -2.65 -6.76
C THR A 147 -2.27 -3.49 -5.51
N THR A 148 -3.56 -3.54 -5.18
CA THR A 148 -4.01 -4.13 -3.92
C THR A 148 -4.79 -5.42 -4.17
N LEU A 149 -4.46 -6.46 -3.43
CA LEU A 149 -5.28 -7.67 -3.44
C LEU A 149 -6.33 -7.58 -2.34
N LEU A 150 -7.59 -7.70 -2.73
CA LEU A 150 -8.69 -7.98 -1.81
C LEU A 150 -9.29 -9.35 -2.07
N ASP A 151 -9.53 -9.67 -3.34
CA ASP A 151 -9.91 -11.01 -3.77
C ASP A 151 -8.64 -11.70 -4.24
N PHE A 152 -8.25 -12.77 -3.54
CA PHE A 152 -6.99 -13.44 -3.81
C PHE A 152 -7.16 -14.67 -4.70
N ALA A 153 -8.30 -14.82 -5.36
CA ALA A 153 -8.51 -15.96 -6.24
C ALA A 153 -7.42 -16.02 -7.31
N ASP A 154 -6.98 -17.23 -7.62
CA ASP A 154 -6.07 -17.50 -8.73
C ASP A 154 -4.69 -16.89 -8.53
N THR A 155 -4.24 -16.74 -7.28
CA THR A 155 -2.88 -16.25 -7.06
C THR A 155 -1.85 -17.39 -7.12
N GLY A 156 -2.28 -18.64 -7.18
CA GLY A 156 -1.41 -19.73 -7.57
C GLY A 156 -0.86 -20.63 -6.48
N ILE A 157 -1.17 -20.35 -5.20
CA ILE A 157 -0.54 -21.07 -4.10
C ILE A 157 -1.00 -22.54 -4.04
N LEU A 158 -2.23 -22.84 -4.43
CA LEU A 158 -2.69 -24.22 -4.34
C LEU A 158 -2.42 -25.03 -5.60
N ASP A 159 -1.78 -24.44 -6.62
CA ASP A 159 -1.68 -25.07 -7.93
C ASP A 159 -1.03 -26.44 -7.83
N VAL A 160 0.07 -26.56 -7.08
CA VAL A 160 0.81 -27.82 -7.10
C VAL A 160 0.14 -28.92 -6.30
N PHE A 161 -0.96 -28.61 -5.60
CA PHE A 161 -1.62 -29.60 -4.75
C PHE A 161 -2.95 -30.11 -5.29
N VAL A 162 -3.45 -29.53 -6.39
CA VAL A 162 -4.80 -29.80 -6.85
C VAL A 162 -4.95 -31.23 -7.38
N ASP A 163 -3.89 -31.82 -7.93
CA ASP A 163 -3.98 -33.17 -8.48
C ASP A 163 -3.12 -34.16 -7.71
N GLU A 164 -3.04 -33.96 -6.39
CA GLU A 164 -2.60 -35.03 -5.51
C GLU A 164 -3.82 -35.55 -4.77
N GLY A 165 -3.77 -36.81 -4.39
CA GLY A 165 -4.89 -37.44 -3.73
C GLY A 165 -5.20 -38.75 -4.42
N HIS A 166 -5.79 -39.67 -3.67
CA HIS A 166 -6.14 -40.97 -4.22
C HIS A 166 -7.46 -40.91 -4.97
N VAL A 167 -7.63 -41.89 -5.85
CA VAL A 167 -8.92 -42.10 -6.51
C VAL A 167 -9.77 -42.94 -5.56
N GLN A 168 -10.84 -42.33 -5.04
CA GLN A 168 -11.59 -42.91 -3.94
C GLN A 168 -13.06 -43.09 -4.33
C ALA A 178 -9.15 -25.64 11.99
N GLY A 179 -8.42 -24.57 11.71
CA GLY A 179 -6.97 -24.65 11.65
C GLY A 179 -6.22 -24.43 12.96
N ALA A 180 -4.98 -24.88 13.02
CA ALA A 180 -4.16 -24.62 14.20
C ALA A 180 -3.96 -23.12 14.35
N PRO A 181 -4.26 -22.54 15.52
CA PRO A 181 -4.32 -21.07 15.63
C PRO A 181 -2.98 -20.42 15.33
N CYS A 182 -3.05 -19.29 14.61
CA CYS A 182 -1.84 -18.53 14.32
C CYS A 182 -1.20 -18.01 15.59
N ALA A 183 -1.99 -17.80 16.64
CA ALA A 183 -1.45 -17.28 17.90
C ALA A 183 -0.47 -18.23 18.55
N LEU A 184 -0.37 -19.47 18.08
CA LEU A 184 0.56 -20.42 18.68
C LEU A 184 1.99 -20.25 18.17
N LEU A 185 2.19 -19.44 17.13
CA LEU A 185 3.49 -19.20 16.54
C LEU A 185 4.15 -17.97 17.16
N ARG A 186 5.47 -18.00 17.24
CA ARG A 186 6.23 -16.79 17.48
C ARG A 186 7.37 -16.74 16.48
N GLY A 187 7.83 -15.54 16.17
CA GLY A 187 9.03 -15.45 15.38
C GLY A 187 9.00 -14.25 14.47
N LEU A 188 10.12 -14.05 13.80
CA LEU A 188 10.29 -13.02 12.79
C LEU A 188 10.67 -13.75 11.51
N GLU A 189 9.91 -13.54 10.46
CA GLU A 189 10.22 -14.17 9.18
C GLU A 189 10.58 -13.08 8.18
N LEU A 190 11.74 -13.23 7.56
CA LEU A 190 12.16 -12.31 6.52
C LEU A 190 11.14 -12.28 5.39
N ALA A 191 10.88 -11.09 4.86
CA ALA A 191 9.93 -10.93 3.76
C ALA A 191 10.45 -9.91 2.77
N ASN A 192 10.21 -10.16 1.48
CA ASN A 192 10.40 -9.15 0.47
C ASN A 192 9.28 -9.29 -0.55
N THR A 193 9.23 -8.35 -1.49
CA THR A 193 8.08 -8.26 -2.38
C THR A 193 8.19 -9.24 -3.54
N PHE A 194 9.32 -9.22 -4.26
CA PHE A 194 9.39 -10.02 -5.47
C PHE A 194 9.53 -11.51 -5.17
N SER A 195 9.98 -11.88 -3.97
CA SER A 195 10.01 -13.29 -3.60
C SER A 195 9.09 -13.61 -2.42
N PHE A 196 8.01 -12.84 -2.24
CA PHE A 196 7.10 -13.14 -1.13
C PHE A 196 6.48 -14.54 -1.27
N LEU A 197 6.25 -15.01 -2.48
CA LEU A 197 5.79 -16.39 -2.65
C LEU A 197 6.91 -17.29 -3.19
N ARG A 198 8.15 -16.97 -2.84
CA ARG A 198 9.31 -17.66 -3.38
C ARG A 198 10.27 -17.92 -2.23
N PRO A 199 11.35 -18.66 -2.42
CA PRO A 199 12.30 -18.87 -1.32
C PRO A 199 12.87 -17.54 -0.84
N ASN A 200 13.16 -17.49 0.46
CA ASN A 200 13.91 -16.38 1.04
C ASN A 200 15.02 -17.03 1.85
N ASP A 201 16.17 -17.19 1.22
CA ASP A 201 17.30 -17.81 1.87
C ASP A 201 18.56 -17.23 1.24
N LEU A 202 19.69 -17.49 1.88
CA LEU A 202 20.92 -16.81 1.47
C LEU A 202 21.29 -17.16 0.03
N VAL A 203 21.07 -18.40 -0.38
CA VAL A 203 21.50 -18.85 -1.69
C VAL A 203 20.59 -18.30 -2.78
N TRP A 204 19.28 -18.43 -2.61
CA TRP A 204 18.34 -17.85 -3.56
C TRP A 204 18.60 -16.36 -3.74
N ASN A 205 18.72 -15.63 -2.62
CA ASN A 205 18.92 -14.19 -2.70
C ASN A 205 20.21 -13.84 -3.43
N TYR A 206 21.27 -14.59 -3.14
CA TYR A 206 22.57 -14.38 -3.81
C TYR A 206 22.47 -14.64 -5.31
N VAL A 207 21.92 -15.80 -5.69
CA VAL A 207 21.87 -16.18 -7.10
C VAL A 207 20.93 -15.29 -7.89
N VAL A 208 19.74 -15.01 -7.34
CA VAL A 208 18.77 -14.20 -8.08
C VAL A 208 19.29 -12.78 -8.27
N ASP A 209 19.81 -12.17 -7.19
CA ASP A 209 20.30 -10.79 -7.29
C ASP A 209 21.42 -10.69 -8.31
N ASN A 210 22.40 -11.59 -8.21
CA ASN A 210 23.52 -11.56 -9.14
C ASN A 210 23.07 -11.81 -10.57
N TYR A 211 22.09 -12.69 -10.75
CA TYR A 211 21.60 -12.96 -12.10
C TYR A 211 20.91 -11.74 -12.69
N LEU A 212 20.02 -11.11 -11.93
CA LEU A 212 19.26 -9.98 -12.46
C LEU A 212 20.17 -8.82 -12.81
N LYS A 213 21.16 -8.56 -11.96
CA LYS A 213 22.06 -7.42 -12.19
C LYS A 213 22.89 -7.60 -13.44
N GLY A 214 23.24 -8.83 -13.80
CA GLY A 214 24.12 -9.03 -14.93
C GLY A 214 23.44 -9.42 -16.23
N ASN A 215 22.15 -9.76 -16.18
CA ASN A 215 21.52 -10.34 -17.35
C ASN A 215 20.15 -9.76 -17.67
N THR A 216 19.69 -8.75 -16.93
CA THR A 216 18.40 -8.11 -17.16
C THR A 216 18.56 -6.62 -16.92
N PRO A 217 17.59 -5.81 -17.40
CA PRO A 217 17.59 -4.39 -17.05
C PRO A 217 16.80 -4.06 -15.79
N VAL A 218 16.57 -5.02 -14.89
CA VAL A 218 15.87 -4.66 -13.66
C VAL A 218 16.66 -3.55 -12.96
N PRO A 219 16.03 -2.44 -12.56
CA PRO A 219 16.81 -1.29 -12.08
C PRO A 219 17.42 -1.55 -10.71
N PHE A 220 18.57 -0.93 -10.47
CA PHE A 220 19.29 -1.17 -9.23
C PHE A 220 18.57 -0.58 -8.01
N ASP A 221 17.84 0.54 -8.18
CA ASP A 221 17.16 1.06 -7.01
C ASP A 221 15.98 0.17 -6.62
N LEU A 222 15.31 -0.44 -7.60
CA LEU A 222 14.32 -1.45 -7.27
C LEU A 222 14.95 -2.60 -6.51
N LEU A 223 16.09 -3.11 -6.98
CA LEU A 223 16.73 -4.24 -6.32
C LEU A 223 17.18 -3.85 -4.90
N PHE A 224 17.66 -2.63 -4.73
CA PHE A 224 18.03 -2.17 -3.39
C PHE A 224 16.83 -2.17 -2.46
N TRP A 225 15.71 -1.59 -2.90
CA TRP A 225 14.49 -1.60 -2.09
C TRP A 225 14.04 -3.03 -1.80
N ASN A 226 13.99 -3.88 -2.83
CA ASN A 226 13.56 -5.24 -2.58
C ASN A 226 14.51 -5.97 -1.64
N GLY A 227 15.80 -5.67 -1.71
CA GLY A 227 16.78 -6.33 -0.86
C GLY A 227 16.80 -5.84 0.56
N ASP A 228 16.17 -4.69 0.81
CA ASP A 228 16.07 -4.07 2.13
C ASP A 228 14.88 -4.73 2.84
N ALA A 229 15.12 -5.94 3.34
CA ALA A 229 14.01 -6.82 3.73
C ALA A 229 13.42 -6.41 5.07
N THR A 230 12.16 -6.81 5.30
CA THR A 230 11.50 -6.55 6.56
C THR A 230 11.11 -7.87 7.21
N ASN A 231 11.01 -7.85 8.53
CA ASN A 231 10.52 -9.01 9.28
C ASN A 231 9.02 -8.97 9.41
N LEU A 232 8.39 -10.15 9.30
CA LEU A 232 6.98 -10.28 9.60
C LEU A 232 6.83 -11.06 10.89
N PRO A 233 6.04 -10.58 11.85
CA PRO A 233 5.78 -11.39 13.05
C PRO A 233 5.05 -12.68 12.67
N GLY A 234 5.35 -13.75 13.39
CA GLY A 234 4.79 -15.06 13.12
C GLY A 234 3.28 -15.07 12.96
N PRO A 235 2.55 -14.62 13.98
CA PRO A 235 1.08 -14.69 13.90
C PRO A 235 0.51 -13.84 12.78
N TRP A 236 1.15 -12.70 12.49
CA TRP A 236 0.71 -11.82 11.41
C TRP A 236 0.84 -12.52 10.07
N TYR A 237 2.03 -13.04 9.79
CA TYR A 237 2.31 -13.75 8.55
C TYR A 237 1.40 -14.97 8.40
N CYS A 238 1.17 -15.70 9.50
CA CYS A 238 0.28 -16.85 9.48
C CYS A 238 -1.14 -16.44 9.07
N TRP A 239 -1.66 -15.39 9.70
CA TRP A 239 -3.04 -14.95 9.42
C TRP A 239 -3.17 -14.49 7.98
N TYR A 240 -2.22 -13.65 7.53
CA TYR A 240 -2.26 -13.15 6.15
C TYR A 240 -2.24 -14.30 5.15
N LEU A 241 -1.30 -15.24 5.29
CA LEU A 241 -1.24 -16.37 4.37
C LEU A 241 -2.51 -17.20 4.42
N ARG A 242 -3.01 -17.49 5.63
CA ARG A 242 -4.15 -18.40 5.76
C ARG A 242 -5.42 -17.78 5.18
N HIS A 243 -5.74 -16.54 5.55
CA HIS A 243 -7.08 -16.01 5.33
C HIS A 243 -7.21 -15.23 4.03
N THR A 244 -6.10 -14.97 3.34
CA THR A 244 -6.18 -14.34 2.02
C THR A 244 -5.73 -15.31 0.93
N TYR A 245 -4.42 -15.51 0.78
CA TYR A 245 -3.93 -16.38 -0.31
C TYR A 245 -4.56 -17.78 -0.26
N LEU A 246 -4.71 -18.35 0.94
CA LEU A 246 -5.14 -19.75 0.97
C LEU A 246 -6.65 -19.91 0.97
N GLN A 247 -7.34 -19.22 1.87
CA GLN A 247 -8.77 -19.41 2.04
C GLN A 247 -9.60 -18.27 1.48
N ASN A 248 -8.98 -17.15 1.12
CA ASN A 248 -9.62 -16.07 0.36
C ASN A 248 -10.94 -15.63 1.00
N GLU A 249 -10.86 -15.27 2.27
CA GLU A 249 -12.04 -15.01 3.09
C GLU A 249 -12.32 -13.53 3.32
N LEU A 250 -11.33 -12.67 3.12
CA LEU A 250 -11.57 -11.24 3.31
C LEU A 250 -12.67 -10.75 2.39
N LYS A 251 -12.73 -11.30 1.17
CA LYS A 251 -13.73 -10.91 0.17
C LYS A 251 -15.12 -11.48 0.43
N VAL A 252 -15.25 -12.36 1.42
CA VAL A 252 -16.54 -12.94 1.79
C VAL A 252 -17.14 -12.07 2.90
N PRO A 253 -18.18 -11.29 2.63
CA PRO A 253 -18.68 -10.32 3.63
C PRO A 253 -19.02 -11.00 4.95
N GLY A 254 -18.46 -10.45 6.03
CA GLY A 254 -18.72 -10.95 7.37
C GLY A 254 -18.03 -12.24 7.76
N LYS A 255 -17.25 -12.85 6.86
CA LYS A 255 -16.65 -14.14 7.16
C LYS A 255 -15.58 -14.02 8.25
N LEU A 256 -14.74 -12.99 8.18
CA LEU A 256 -13.64 -12.81 9.12
C LEU A 256 -13.99 -11.80 10.20
N THR A 257 -13.59 -12.09 11.43
CA THR A 257 -13.71 -11.15 12.54
C THR A 257 -12.34 -10.58 12.84
N VAL A 258 -12.25 -9.26 12.85
CA VAL A 258 -10.99 -8.53 13.04
C VAL A 258 -11.26 -7.41 14.02
N CYS A 259 -10.44 -7.34 15.07
CA CYS A 259 -10.56 -6.30 16.10
C CYS A 259 -11.97 -6.21 16.65
N GLY A 260 -12.62 -7.37 16.81
CA GLY A 260 -13.90 -7.47 17.46
C GLY A 260 -15.12 -7.26 16.58
N VAL A 261 -14.97 -7.10 15.28
CA VAL A 261 -16.13 -6.88 14.40
C VAL A 261 -15.98 -7.69 13.13
N PRO A 262 -17.11 -8.05 12.51
CA PRO A 262 -17.05 -8.72 11.22
C PRO A 262 -16.56 -7.77 10.13
N VAL A 263 -15.79 -8.29 9.19
CA VAL A 263 -15.22 -7.50 8.10
C VAL A 263 -16.11 -7.67 6.87
N ASP A 264 -16.74 -6.57 6.45
CA ASP A 264 -17.51 -6.50 5.21
C ASP A 264 -16.92 -5.35 4.40
N LEU A 265 -16.15 -5.67 3.36
CA LEU A 265 -15.49 -4.62 2.60
C LEU A 265 -16.49 -3.68 1.93
N ALA A 266 -17.73 -4.13 1.70
CA ALA A 266 -18.72 -3.23 1.12
C ALA A 266 -19.10 -2.11 2.09
N SER A 267 -18.79 -2.25 3.38
CA SER A 267 -19.17 -1.23 4.35
C SER A 267 -18.26 -0.01 4.31
N ILE A 268 -17.12 -0.09 3.62
CA ILE A 268 -16.25 1.07 3.49
C ILE A 268 -16.98 2.23 2.83
N ASP A 269 -17.60 1.96 1.68
CA ASP A 269 -18.62 2.81 1.08
C ASP A 269 -18.18 4.27 0.92
N VAL A 270 -17.05 4.46 0.24
CA VAL A 270 -16.62 5.80 -0.16
C VAL A 270 -16.09 5.72 -1.59
N PRO A 271 -16.04 6.86 -2.28
CA PRO A 271 -15.43 6.85 -3.62
C PRO A 271 -14.05 6.22 -3.59
N THR A 272 -13.79 5.31 -4.53
CA THR A 272 -12.59 4.49 -4.48
C THR A 272 -11.94 4.41 -5.86
N TYR A 273 -10.63 4.72 -5.91
CA TYR A 273 -9.82 4.63 -7.12
C TYR A 273 -8.99 3.35 -7.03
N ILE A 274 -9.13 2.49 -8.03
CA ILE A 274 -8.54 1.14 -8.01
C ILE A 274 -7.58 1.05 -9.17
N TYR A 275 -6.31 0.78 -8.88
CA TYR A 275 -5.26 0.80 -9.89
C TYR A 275 -4.58 -0.57 -9.96
N GLY A 276 -4.27 -1.02 -11.17
CA GLY A 276 -3.42 -2.17 -11.34
C GLY A 276 -2.53 -1.99 -12.56
N SER A 277 -1.49 -2.83 -12.66
CA SER A 277 -0.55 -2.79 -13.77
C SER A 277 -0.68 -4.03 -14.64
N ARG A 278 -0.65 -3.85 -15.95
CA ARG A 278 -1.07 -4.93 -16.84
C ARG A 278 -0.13 -6.15 -16.80
N GLU A 279 1.18 -5.94 -16.73
CA GLU A 279 2.12 -7.05 -16.72
C GLU A 279 2.54 -7.43 -15.30
N ASP A 280 1.77 -7.03 -14.30
CA ASP A 280 2.09 -7.31 -12.90
C ASP A 280 1.74 -8.77 -12.61
N HIS A 281 2.73 -9.57 -12.23
CA HIS A 281 2.49 -10.97 -11.88
C HIS A 281 2.61 -11.23 -10.40
N ILE A 282 2.80 -10.19 -9.60
CA ILE A 282 2.71 -10.26 -8.15
C ILE A 282 1.30 -9.97 -7.68
N VAL A 283 0.70 -8.92 -8.23
CA VAL A 283 -0.72 -8.62 -8.09
C VAL A 283 -1.30 -8.62 -9.51
N PRO A 284 -1.80 -9.75 -10.01
CA PRO A 284 -2.38 -9.76 -11.37
C PRO A 284 -3.40 -8.63 -11.52
N TRP A 285 -3.39 -7.98 -12.68
CA TRP A 285 -4.30 -6.84 -12.83
C TRP A 285 -5.74 -7.28 -12.77
N THR A 286 -6.03 -8.52 -13.21
CA THR A 286 -7.39 -9.03 -13.11
C THR A 286 -7.80 -9.25 -11.66
N ALA A 287 -6.83 -9.55 -10.79
CA ALA A 287 -7.11 -9.72 -9.37
C ALA A 287 -7.41 -8.38 -8.71
N ALA A 288 -6.63 -7.34 -9.04
CA ALA A 288 -6.98 -6.00 -8.60
C ALA A 288 -8.37 -5.62 -9.10
N TYR A 289 -8.67 -5.94 -10.36
CA TYR A 289 -9.98 -5.57 -10.93
C TYR A 289 -11.12 -6.23 -10.16
N ALA A 290 -10.88 -7.42 -9.63
CA ALA A 290 -11.90 -8.12 -8.86
C ALA A 290 -12.38 -7.31 -7.66
N SER A 291 -11.60 -6.33 -7.19
CA SER A 291 -12.11 -5.46 -6.13
C SER A 291 -13.37 -4.71 -6.55
N THR A 292 -13.61 -4.52 -7.86
CA THR A 292 -14.79 -3.77 -8.27
C THR A 292 -16.08 -4.53 -7.96
N ALA A 293 -16.00 -5.83 -7.70
CA ALA A 293 -17.17 -6.61 -7.35
C ALA A 293 -17.49 -6.57 -5.86
N LEU A 294 -16.60 -5.99 -5.04
CA LEU A 294 -16.69 -6.04 -3.59
C LEU A 294 -17.08 -4.72 -2.95
N LEU A 295 -16.72 -3.60 -3.58
CA LEU A 295 -16.73 -2.30 -2.94
C LEU A 295 -17.95 -1.48 -3.35
N ALA A 296 -18.55 -0.82 -2.38
CA ALA A 296 -19.69 0.06 -2.64
C ALA A 296 -19.21 1.45 -3.03
N ASN A 297 -20.17 2.27 -3.47
CA ASN A 297 -19.96 3.66 -3.86
C ASN A 297 -19.30 3.78 -5.23
N LYS A 298 -18.83 4.98 -5.59
CA LYS A 298 -18.42 5.26 -6.96
C LYS A 298 -16.98 4.80 -7.17
N LEU A 299 -16.80 3.82 -8.05
CA LEU A 299 -15.50 3.20 -8.28
C LEU A 299 -14.95 3.66 -9.62
N ARG A 300 -13.62 3.79 -9.67
CA ARG A 300 -12.90 4.02 -10.91
C ARG A 300 -11.79 2.98 -10.99
N PHE A 301 -11.66 2.31 -12.13
CA PHE A 301 -10.56 1.38 -12.33
C PHE A 301 -9.67 1.88 -13.45
N VAL A 302 -8.35 1.87 -13.22
CA VAL A 302 -7.38 2.35 -14.18
C VAL A 302 -6.25 1.34 -14.27
N LEU A 303 -5.87 0.98 -15.49
CA LEU A 303 -4.85 -0.02 -15.77
C LEU A 303 -3.62 0.69 -16.33
N GLY A 304 -2.48 0.55 -15.66
CA GLY A 304 -1.23 1.07 -16.18
C GLY A 304 -0.50 -0.01 -16.94
N ALA A 305 0.29 0.41 -17.94
CA ALA A 305 1.13 -0.55 -18.64
C ALA A 305 2.30 -0.98 -17.75
N SER A 306 2.86 -2.14 -18.08
CA SER A 306 4.12 -2.69 -17.53
C SER A 306 3.95 -3.41 -16.20
N GLY A 307 5.06 -3.64 -15.50
CA GLY A 307 5.11 -4.59 -14.39
C GLY A 307 4.71 -4.00 -13.04
N HIS A 308 5.00 -4.80 -11.99
CA HIS A 308 4.56 -4.49 -10.64
C HIS A 308 5.02 -3.09 -10.20
N ILE A 309 6.31 -2.82 -10.28
CA ILE A 309 6.82 -1.51 -9.86
C ILE A 309 6.90 -0.54 -11.03
N ALA A 310 7.39 -1.01 -12.18
CA ALA A 310 7.49 -0.11 -13.34
C ALA A 310 6.14 0.54 -13.67
N GLY A 311 5.05 -0.21 -13.49
CA GLY A 311 3.75 0.34 -13.85
C GLY A 311 3.26 1.38 -12.85
N VAL A 312 3.46 1.14 -11.55
N VAL A 312 3.49 1.16 -11.56
CA VAL A 312 2.98 2.08 -10.55
CA VAL A 312 2.95 2.07 -10.56
C VAL A 312 3.88 3.30 -10.49
C VAL A 312 3.88 3.27 -10.35
N ILE A 313 5.20 3.09 -10.51
CA ILE A 313 6.15 4.20 -10.39
C ILE A 313 6.48 4.65 -11.81
N ASN A 314 5.59 5.48 -12.38
CA ASN A 314 5.76 6.00 -13.75
C ASN A 314 5.47 7.48 -13.72
N PRO A 315 6.44 8.31 -13.33
CA PRO A 315 6.19 9.75 -13.16
C PRO A 315 5.89 10.39 -14.50
N PRO A 316 4.94 11.33 -14.54
CA PRO A 316 4.48 11.85 -15.85
C PRO A 316 5.50 12.69 -16.59
N ALA A 317 6.48 13.29 -15.91
CA ALA A 317 7.39 14.22 -16.59
C ALA A 317 8.08 13.53 -17.76
N LYS A 318 8.47 12.27 -17.60
CA LYS A 318 9.19 11.55 -18.64
C LYS A 318 8.31 11.18 -19.83
N ASN A 319 6.97 11.16 -19.65
CA ASN A 319 6.03 10.85 -20.73
C ASN A 319 6.29 9.47 -21.32
N LYS A 320 6.38 8.46 -20.46
CA LYS A 320 6.64 7.09 -20.88
C LYS A 320 5.42 6.22 -20.60
N ARG A 321 5.36 5.11 -21.35
CA ARG A 321 4.35 4.06 -21.22
C ARG A 321 2.96 4.57 -21.58
N SER A 322 1.93 3.95 -21.00
CA SER A 322 0.54 4.27 -21.32
C SER A 322 -0.34 3.75 -20.19
N HIS A 323 -1.64 3.99 -20.31
CA HIS A 323 -2.62 3.48 -19.35
C HIS A 323 -3.98 3.43 -20.02
N TRP A 324 -4.87 2.59 -19.49
CA TRP A 324 -6.21 2.41 -20.05
C TRP A 324 -7.27 2.91 -19.09
N THR A 325 -8.34 3.50 -19.63
CA THR A 325 -9.50 3.87 -18.83
C THR A 325 -10.77 3.31 -19.47
N ASN A 326 -11.76 3.06 -18.62
CA ASN A 326 -13.10 2.66 -19.07
C ASN A 326 -14.05 2.91 -17.91
N ASP A 327 -15.05 3.77 -18.12
CA ASP A 327 -15.99 4.10 -17.06
C ASP A 327 -16.96 2.97 -16.76
N ALA A 328 -17.22 2.08 -17.73
CA ALA A 328 -18.04 0.92 -17.48
C ALA A 328 -17.27 -0.11 -16.66
N LEU A 329 -18.00 -0.89 -15.85
CA LEU A 329 -17.41 -1.83 -14.92
C LEU A 329 -18.13 -3.17 -15.04
N PRO A 330 -17.93 -3.89 -16.13
CA PRO A 330 -18.52 -5.23 -16.24
C PRO A 330 -17.88 -6.18 -15.25
N GLU A 331 -18.54 -7.32 -15.04
CA GLU A 331 -18.02 -8.29 -14.09
C GLU A 331 -16.68 -8.84 -14.54
N SER A 332 -16.47 -8.98 -15.83
CA SER A 332 -15.28 -9.66 -16.35
C SER A 332 -14.21 -8.65 -16.73
N PRO A 333 -12.96 -8.87 -16.32
CA PRO A 333 -11.90 -7.92 -16.70
C PRO A 333 -11.63 -7.86 -18.20
N GLN A 334 -11.76 -8.97 -18.91
CA GLN A 334 -11.52 -8.94 -20.35
C GLN A 334 -12.54 -8.05 -21.04
N GLN A 335 -13.79 -8.08 -20.59
CA GLN A 335 -14.80 -7.16 -21.11
C GLN A 335 -14.42 -5.72 -20.82
N TRP A 336 -13.86 -5.46 -19.64
CA TRP A 336 -13.41 -4.11 -19.31
C TRP A 336 -12.34 -3.65 -20.28
N LEU A 337 -11.33 -4.49 -20.49
CA LEU A 337 -10.24 -4.13 -21.39
C LEU A 337 -10.71 -3.97 -22.83
N ALA A 338 -11.69 -4.78 -23.26
CA ALA A 338 -12.17 -4.67 -24.64
C ALA A 338 -12.76 -3.30 -24.93
N GLY A 339 -13.41 -2.68 -23.96
CA GLY A 339 -13.99 -1.36 -24.14
C GLY A 339 -13.10 -0.23 -23.71
N ALA A 340 -11.94 -0.54 -23.14
CA ALA A 340 -11.04 0.48 -22.62
C ALA A 340 -10.32 1.24 -23.73
N ILE A 341 -10.01 2.51 -23.45
N ILE A 341 -9.97 2.49 -23.43
CA ILE A 341 -9.24 3.36 -24.34
CA ILE A 341 -9.24 3.36 -24.36
C ILE A 341 -7.83 3.47 -23.78
C ILE A 341 -7.84 3.59 -23.81
N GLU A 342 -6.83 3.33 -24.64
CA GLU A 342 -5.44 3.49 -24.23
C GLU A 342 -5.00 4.94 -24.40
N HIS A 343 -4.40 5.50 -23.36
CA HIS A 343 -3.91 6.88 -23.38
C HIS A 343 -2.39 6.89 -23.23
N HIS A 344 -1.76 7.86 -23.86
CA HIS A 344 -0.30 7.94 -23.78
C HIS A 344 0.13 8.37 -22.37
N GLY A 345 1.23 7.77 -21.90
CA GLY A 345 1.92 8.26 -20.73
C GLY A 345 1.33 7.79 -19.41
N SER A 346 1.69 8.53 -18.38
CA SER A 346 1.45 8.13 -17.00
C SER A 346 -0.03 8.24 -16.63
N TRP A 347 -0.47 7.34 -15.75
CA TRP A 347 -1.78 7.43 -15.12
C TRP A 347 -1.80 8.39 -13.94
N TRP A 348 -0.65 8.90 -13.48
CA TRP A 348 -0.66 9.75 -12.30
C TRP A 348 -1.54 10.98 -12.47
N PRO A 349 -1.53 11.70 -13.60
CA PRO A 349 -2.46 12.84 -13.73
C PRO A 349 -3.92 12.46 -13.65
N ASP A 350 -4.29 11.27 -14.14
CA ASP A 350 -5.67 10.81 -14.00
C ASP A 350 -6.04 10.68 -12.52
N TRP A 351 -5.16 10.06 -11.75
CA TRP A 351 -5.42 9.87 -10.34
C TRP A 351 -5.42 11.20 -9.57
N THR A 352 -4.41 12.05 -9.79
CA THR A 352 -4.36 13.27 -8.98
C THR A 352 -5.54 14.18 -9.27
N ALA A 353 -6.03 14.19 -10.52
CA ALA A 353 -7.24 14.95 -10.83
C ALA A 353 -8.44 14.36 -10.10
N TRP A 354 -8.54 13.03 -10.06
CA TRP A 354 -9.58 12.38 -9.27
C TRP A 354 -9.43 12.73 -7.80
N LEU A 355 -8.20 12.68 -7.28
CA LEU A 355 -7.99 12.97 -5.86
C LEU A 355 -8.33 14.41 -5.52
N ALA A 356 -7.99 15.35 -6.41
CA ALA A 356 -8.35 16.74 -6.17
C ALA A 356 -9.85 16.88 -5.94
N GLY A 357 -10.67 16.15 -6.72
CA GLY A 357 -12.11 16.24 -6.56
C GLY A 357 -12.62 15.70 -5.24
N GLN A 358 -11.81 14.91 -4.54
CA GLN A 358 -12.17 14.41 -3.22
C GLN A 358 -11.61 15.24 -2.08
N ALA A 359 -10.73 16.21 -2.36
CA ALA A 359 -9.88 16.76 -1.29
C ALA A 359 -10.32 18.11 -0.76
N GLY A 360 -11.44 18.65 -1.24
CA GLY A 360 -11.92 19.93 -0.74
C GLY A 360 -11.15 21.10 -1.34
N ALA A 361 -11.53 22.29 -0.90
CA ALA A 361 -10.97 23.51 -1.46
C ALA A 361 -9.55 23.75 -0.94
N LYS A 362 -8.80 24.57 -1.68
CA LYS A 362 -7.41 24.85 -1.35
C LYS A 362 -7.32 26.01 -0.36
N ARG A 363 -6.48 25.86 0.65
CA ARG A 363 -6.28 26.88 1.66
C ARG A 363 -4.78 27.01 1.89
N ALA A 364 -4.40 28.10 2.57
CA ALA A 364 -2.99 28.32 2.92
C ALA A 364 -2.39 27.08 3.57
N ALA A 365 -1.17 26.73 3.14
CA ALA A 365 -0.48 25.56 3.65
C ALA A 365 -0.11 25.74 5.13
N PRO A 366 -0.01 24.66 5.88
CA PRO A 366 0.44 24.77 7.27
C PRO A 366 1.89 25.22 7.38
N ALA A 367 2.17 26.00 8.43
CA ALA A 367 3.51 26.51 8.65
C ALA A 367 4.41 25.51 9.36
N ASN A 368 3.83 24.66 10.20
CA ASN A 368 4.58 23.75 11.04
C ASN A 368 4.01 22.36 10.93
N TYR A 369 4.84 21.38 11.27
CA TYR A 369 4.40 19.99 11.30
C TYR A 369 3.47 19.75 12.49
N GLY A 370 2.52 18.84 12.30
CA GLY A 370 1.71 18.34 13.41
C GLY A 370 0.79 19.41 13.99
N ASN A 371 0.57 19.30 15.30
CA ASN A 371 -0.21 20.29 16.06
C ASN A 371 0.31 20.29 17.49
N ALA A 372 -0.41 20.98 18.39
CA ALA A 372 0.04 21.03 19.78
C ALA A 372 0.20 19.64 20.37
N ARG A 373 -0.73 18.73 20.07
CA ARG A 373 -0.66 17.39 20.62
C ARG A 373 0.50 16.59 20.02
N TYR A 374 0.78 16.78 18.73
CA TYR A 374 1.74 15.94 18.00
C TYR A 374 2.77 16.83 17.31
N ARG A 375 3.82 17.21 18.03
CA ARG A 375 4.85 18.04 17.40
C ARG A 375 5.94 17.17 16.79
N ALA A 376 6.76 17.79 15.95
CA ALA A 376 7.82 17.08 15.25
C ALA A 376 8.77 16.40 16.25
N ILE A 377 9.13 15.16 15.93
CA ILE A 377 10.02 14.34 16.75
C ILE A 377 11.43 14.32 16.19
N GLU A 378 11.55 14.08 14.88
CA GLU A 378 12.82 13.99 14.18
C GLU A 378 12.53 14.11 12.69
N PRO A 379 13.53 14.39 11.86
CA PRO A 379 13.27 14.57 10.42
C PRO A 379 12.88 13.26 9.73
N ALA A 380 12.05 13.40 8.69
CA ALA A 380 11.86 12.30 7.75
C ALA A 380 13.22 12.00 7.13
N PRO A 381 13.48 10.73 6.77
CA PRO A 381 12.55 9.60 6.71
C PRO A 381 12.31 8.90 8.05
N GLY A 382 12.92 9.37 9.13
CA GLY A 382 12.76 8.74 10.43
C GLY A 382 13.70 7.57 10.63
N ARG A 383 13.86 7.19 11.91
CA ARG A 383 14.81 6.12 12.22
C ARG A 383 14.23 4.72 12.02
N TYR A 384 12.89 4.55 12.07
CA TYR A 384 12.36 3.18 11.89
C TYR A 384 12.76 2.59 10.54
N VAL A 385 12.67 3.39 9.48
CA VAL A 385 12.92 2.84 8.14
C VAL A 385 14.39 2.46 7.96
N LYS A 386 15.29 2.98 8.81
CA LYS A 386 16.71 2.65 8.70
C LYS A 386 17.07 1.35 9.41
N ALA A 387 16.16 0.77 10.17
CA ALA A 387 16.47 -0.43 10.95
C ALA A 387 16.53 -1.64 10.04
N LYS A 388 17.59 -2.42 10.16
CA LYS A 388 17.74 -3.64 9.38
C LYS A 388 16.94 -4.78 10.02
N ALA A 389 16.62 -5.78 9.20
N ALA A 389 16.64 -5.79 9.20
CA ALA A 389 15.89 -6.95 9.69
CA ALA A 389 15.98 -7.00 9.67
C ALA A 389 16.76 -7.78 10.62
C ALA A 389 16.98 -7.99 10.25
S SO4 B . -3.94 -9.55 -20.75
O1 SO4 B . -4.61 -8.95 -21.91
O2 SO4 B . -3.41 -10.86 -21.16
O3 SO4 B . -2.83 -8.70 -20.32
O4 SO4 B . -4.91 -9.72 -19.67
S SO4 C . -0.23 4.34 21.28
O1 SO4 C . -1.32 4.30 22.24
O2 SO4 C . -0.73 3.93 19.96
O3 SO4 C . 0.85 3.46 21.70
O4 SO4 C . 0.29 5.71 21.22
S SO4 D . -6.31 -17.58 13.18
O1 SO4 D . -7.65 -17.14 13.56
O2 SO4 D . -6.42 -18.35 11.93
O3 SO4 D . -5.72 -18.41 14.22
O4 SO4 D . -5.43 -16.43 13.02
S SO4 E . -9.52 -21.22 10.36
O1 SO4 E . -9.69 -20.55 9.08
O2 SO4 E . -10.70 -22.03 10.65
O3 SO4 E . -9.34 -20.23 11.42
O4 SO4 E . -8.33 -22.09 10.32
#